data_4Z44
#
_entry.id   4Z44
#
_cell.length_a   68.100
_cell.length_b   68.100
_cell.length_c   275.380
_cell.angle_alpha   90.00
_cell.angle_beta   90.00
_cell.angle_gamma   90.00
#
_symmetry.space_group_name_H-M   'P 43 21 2'
#
loop_
_entity.id
_entity.type
_entity.pdbx_description
1 polymer 'Flavin-dependent tryptophan halogenase PrnA'
2 non-polymer 'FLAVIN-ADENINE DINUCLEOTIDE'
3 non-polymer 'CHLORIDE ION'
4 non-polymer 'PHOSPHATE ION'
5 non-polymer 'SULFATE ION'
6 water water
#
_entity_poly.entity_id   1
_entity_poly.type   'polypeptide(L)'
_entity_poly.pdbx_seq_one_letter_code
;HHHHHHSSGLVPRGSHMNKPIKNIVIVGGGTAGWMAASYLVRALQQQANITLIESAAIPRIGVGEATIPSLQKVFFDFLG
IPEREWMPQVNGAFKAAIKFVNWRKSPDPSRDDHFYHLFGNVPNCDGVPLTHYWLRKREQGFQQPMEYACYPQPGALDGK
LAPCLSDGTRQMSHAWHFDAHLVADFLKRWAVERGVNRVVDEVVDVRLNNRGYISNLLTKEGRTLEADLFIDCSGMRGLL
INQALKEPFIDMSDYLLCDSAVASAVPNDDARDGVEPYTSSIAMNSGWTWKIPMLGRFGSGYVFSSHFTSRDQATADFLK
LWGLSDNQPLNQIKFRVGRNKRAWVNNCVSIGLSSCFLEPLESTGIYFIYAALYQLVKHFPDTSFDPRLSDAFNAEIVHM
FDDCRDFVQAHYFTTSRDDTPFWLANRHDLRLSDAIKEKVQRYKAGLPLTTTSFDDSTYYETFDYEFKNKWLNGNYYCIF
AGLGMLPDRSLPLLQHRPESIEKAEAMFASIRREAERLRTSLPTNYDYLRSLRDGDAGLSRGQRGPKLAAQESL
;
_entity_poly.pdbx_strand_id   A
#
loop_
_chem_comp.id
_chem_comp.type
_chem_comp.name
_chem_comp.formula
CL non-polymer 'CHLORIDE ION' 'Cl -1'
FAD non-polymer 'FLAVIN-ADENINE DINUCLEOTIDE' 'C27 H33 N9 O15 P2'
PO4 non-polymer 'PHOSPHATE ION' 'O4 P -3'
SO4 non-polymer 'SULFATE ION' 'O4 S -2'
#
# COMPACT_ATOMS: atom_id res chain seq x y z
N ASN A 18 -25.99 27.62 -4.89
CA ASN A 18 -26.03 26.82 -3.67
C ASN A 18 -25.02 27.34 -2.65
N LYS A 19 -25.39 27.25 -1.37
CA LYS A 19 -24.49 27.64 -0.29
C LYS A 19 -23.35 26.64 -0.16
N PRO A 20 -22.13 27.14 0.09
CA PRO A 20 -20.94 26.28 0.20
C PRO A 20 -20.84 25.53 1.53
N ILE A 21 -20.11 24.43 1.53
CA ILE A 21 -19.83 23.69 2.74
C ILE A 21 -18.99 24.56 3.66
N LYS A 22 -19.49 24.81 4.87
CA LYS A 22 -18.79 25.69 5.78
C LYS A 22 -18.32 24.98 7.05
N ASN A 23 -19.14 24.04 7.53
CA ASN A 23 -18.79 23.29 8.73
C ASN A 23 -18.54 21.82 8.41
N ILE A 24 -17.36 21.34 8.78
CA ILE A 24 -16.98 19.96 8.53
C ILE A 24 -16.60 19.27 9.84
N VAL A 25 -17.18 18.10 10.07
CA VAL A 25 -16.83 17.32 11.26
C VAL A 25 -16.20 15.99 10.86
N ILE A 26 -14.99 15.76 11.37
CA ILE A 26 -14.29 14.50 11.15
C ILE A 26 -14.36 13.66 12.41
N VAL A 27 -14.87 12.45 12.28
CA VAL A 27 -14.90 11.52 13.40
C VAL A 27 -13.72 10.56 13.30
N GLY A 28 -12.76 10.68 14.20
CA GLY A 28 -11.61 9.80 14.21
C GLY A 28 -10.28 10.51 14.24
N GLY A 29 -9.37 10.03 15.08
CA GLY A 29 -8.07 10.65 15.24
C GLY A 29 -6.91 9.75 14.83
N GLY A 30 -7.21 8.71 14.06
CA GLY A 30 -6.17 7.85 13.52
C GLY A 30 -5.45 8.49 12.34
N THR A 31 -4.79 7.65 11.53
CA THR A 31 -4.07 8.15 10.36
C THR A 31 -5.03 8.80 9.36
N ALA A 32 -6.18 8.16 9.17
CA ALA A 32 -7.19 8.64 8.23
C ALA A 32 -7.73 9.99 8.65
N GLY A 33 -8.10 10.10 9.92
CA GLY A 33 -8.71 11.31 10.45
C GLY A 33 -7.84 12.55 10.32
N TRP A 34 -6.54 12.40 10.61
CA TRP A 34 -5.64 13.53 10.62
C TRP A 34 -5.04 13.81 9.24
N MET A 35 -5.08 12.82 8.35
CA MET A 35 -4.75 13.08 6.97
C MET A 35 -5.89 13.86 6.33
N ALA A 36 -7.12 13.49 6.69
CA ALA A 36 -8.30 14.17 6.20
C ALA A 36 -8.32 15.63 6.68
N ALA A 37 -8.02 15.83 7.96
CA ALA A 37 -7.99 17.15 8.55
C ALA A 37 -6.91 18.02 7.90
N SER A 38 -5.73 17.43 7.70
CA SER A 38 -4.61 18.15 7.10
C SER A 38 -4.89 18.50 5.64
N TYR A 39 -5.35 17.52 4.87
CA TYR A 39 -5.59 17.71 3.45
C TYR A 39 -6.67 18.75 3.19
N LEU A 40 -7.75 18.70 3.97
CA LEU A 40 -8.89 19.59 3.76
C LEU A 40 -8.60 21.02 4.18
N VAL A 41 -7.86 21.20 5.26
CA VAL A 41 -7.52 22.53 5.74
C VAL A 41 -6.53 23.18 4.77
N ARG A 42 -5.86 22.35 3.98
CA ARG A 42 -4.95 22.83 2.96
C ARG A 42 -5.71 23.16 1.68
N ALA A 43 -6.59 22.24 1.28
CA ALA A 43 -7.36 22.39 0.06
C ALA A 43 -8.38 23.52 0.18
N LEU A 44 -9.08 23.56 1.31
CA LEU A 44 -10.10 24.59 1.55
C LEU A 44 -9.49 25.79 2.27
N GLN A 45 -8.85 26.66 1.51
CA GLN A 45 -8.14 27.80 2.08
C GLN A 45 -9.07 28.77 2.79
N GLN A 46 -10.25 29.01 2.23
CA GLN A 46 -11.20 29.92 2.84
C GLN A 46 -12.57 29.25 3.02
N GLN A 47 -13.37 29.81 3.92
CA GLN A 47 -14.73 29.33 4.21
C GLN A 47 -14.74 27.84 4.56
N ALA A 48 -14.06 27.49 5.65
CA ALA A 48 -13.98 26.09 6.07
C ALA A 48 -13.68 25.96 7.55
N ASN A 49 -14.70 25.61 8.33
CA ASN A 49 -14.52 25.32 9.75
C ASN A 49 -14.42 23.81 9.95
N ILE A 50 -13.24 23.35 10.31
CA ILE A 50 -13.00 21.92 10.43
C ILE A 50 -12.83 21.50 11.89
N THR A 51 -13.66 20.55 12.32
CA THR A 51 -13.58 20.00 13.67
C THR A 51 -13.34 18.49 13.60
N LEU A 52 -12.43 18.01 14.44
CA LEU A 52 -12.15 16.58 14.52
C LEU A 52 -12.42 16.08 15.94
N ILE A 53 -13.25 15.05 16.05
CA ILE A 53 -13.52 14.43 17.35
C ILE A 53 -12.95 13.01 17.38
N GLU A 54 -12.21 12.70 18.43
CA GLU A 54 -11.61 11.39 18.59
C GLU A 54 -11.68 10.91 20.03
N SER A 55 -12.02 9.64 20.21
CA SER A 55 -12.15 9.06 21.54
C SER A 55 -10.79 8.66 22.10
N ALA A 56 -10.57 8.95 23.38
CA ALA A 56 -9.33 8.60 24.04
C ALA A 56 -9.38 7.16 24.54
N ALA A 57 -10.56 6.58 24.54
CA ALA A 57 -10.76 5.22 25.04
C ALA A 57 -10.79 4.21 23.89
N ILE A 58 -10.81 4.72 22.66
CA ILE A 58 -10.76 3.85 21.49
C ILE A 58 -9.44 4.08 20.76
N PRO A 59 -8.53 3.10 20.82
CA PRO A 59 -7.18 3.23 20.29
C PRO A 59 -7.11 3.35 18.77
N ARG A 60 -6.01 3.92 18.28
CA ARG A 60 -5.76 4.01 16.86
C ARG A 60 -5.00 2.78 16.37
N ILE A 61 -5.11 2.47 15.08
CA ILE A 61 -4.38 1.35 14.50
C ILE A 61 -3.07 1.84 13.89
N GLY A 62 -1.96 1.34 14.42
CA GLY A 62 -0.63 1.66 13.93
C GLY A 62 0.33 0.57 14.32
N VAL A 63 0.68 -0.28 13.35
CA VAL A 63 1.45 -1.49 13.62
C VAL A 63 2.89 -1.37 13.13
N GLY A 64 3.24 -0.21 12.61
CA GLY A 64 4.49 -0.04 11.87
C GLY A 64 4.19 -0.29 10.42
N GLU A 65 4.02 0.79 9.67
CA GLU A 65 3.45 0.71 8.31
C GLU A 65 4.48 0.91 7.21
N ALA A 66 4.27 0.20 6.10
CA ALA A 66 5.06 0.39 4.89
C ALA A 66 4.24 1.16 3.87
N THR A 67 4.90 2.01 3.11
CA THR A 67 4.21 2.90 2.17
C THR A 67 4.79 2.83 0.75
N ILE A 68 4.20 3.61 -0.14
CA ILE A 68 4.63 3.69 -1.54
C ILE A 68 4.91 5.16 -1.89
N PRO A 69 5.76 5.41 -2.91
CA PRO A 69 6.28 6.76 -3.20
C PRO A 69 5.22 7.87 -3.36
N SER A 70 3.99 7.50 -3.71
CA SER A 70 2.96 8.51 -3.96
C SER A 70 2.52 9.23 -2.68
N LEU A 71 2.98 8.74 -1.53
CA LEU A 71 2.72 9.41 -0.27
C LEU A 71 3.32 10.82 -0.27
N GLN A 72 4.50 10.95 -0.85
CA GLN A 72 5.15 12.25 -0.94
C GLN A 72 4.52 13.10 -2.04
N LYS A 73 4.41 12.52 -3.22
CA LYS A 73 3.90 13.23 -4.40
C LYS A 73 2.47 13.72 -4.23
N VAL A 74 1.59 12.87 -3.69
CA VAL A 74 0.17 13.20 -3.62
C VAL A 74 -0.19 13.90 -2.31
N PHE A 75 0.33 13.41 -1.20
CA PHE A 75 -0.09 13.93 0.11
C PHE A 75 0.81 15.04 0.64
N PHE A 76 2.06 14.70 0.98
CA PHE A 76 2.94 15.66 1.65
C PHE A 76 3.33 16.84 0.77
N ASP A 77 3.42 16.62 -0.53
CA ASP A 77 3.70 17.71 -1.47
C ASP A 77 2.54 18.69 -1.47
N PHE A 78 1.34 18.16 -1.40
CA PHE A 78 0.13 18.99 -1.38
C PHE A 78 0.10 19.86 -0.13
N LEU A 79 0.61 19.32 0.99
CA LEU A 79 0.67 20.07 2.24
C LEU A 79 1.86 21.02 2.26
N GLY A 80 2.75 20.86 1.29
CA GLY A 80 3.97 21.65 1.23
C GLY A 80 5.01 21.19 2.22
N ILE A 81 4.89 19.93 2.65
CA ILE A 81 5.82 19.35 3.60
C ILE A 81 6.81 18.44 2.88
N PRO A 82 8.09 18.88 2.81
CA PRO A 82 9.11 18.07 2.15
C PRO A 82 9.47 16.81 2.95
N GLU A 83 10.07 15.84 2.29
CA GLU A 83 10.43 14.56 2.91
C GLU A 83 11.36 14.75 4.10
N ARG A 84 12.28 15.69 3.99
CA ARG A 84 13.27 15.93 5.03
C ARG A 84 12.63 16.51 6.30
N GLU A 85 11.42 17.02 6.18
CA GLU A 85 10.74 17.62 7.32
C GLU A 85 9.96 16.58 8.15
N TRP A 86 9.16 15.77 7.48
CA TRP A 86 8.26 14.85 8.19
C TRP A 86 8.90 13.51 8.55
N MET A 87 9.83 13.04 7.73
CA MET A 87 10.41 11.71 7.93
C MET A 87 11.16 11.55 9.27
N PRO A 88 12.01 12.52 9.65
CA PRO A 88 12.64 12.32 10.95
C PRO A 88 11.67 12.48 12.13
N GLN A 89 10.54 13.13 11.89
CA GLN A 89 9.55 13.34 12.93
C GLN A 89 8.74 12.08 13.20
N VAL A 90 8.83 11.12 12.28
CA VAL A 90 8.09 9.87 12.42
C VAL A 90 9.05 8.69 12.58
N ASN A 91 10.32 9.01 12.81
CA ASN A 91 11.37 8.00 12.95
C ASN A 91 11.38 7.05 11.76
N GLY A 92 11.34 7.62 10.57
CA GLY A 92 11.19 6.83 9.36
C GLY A 92 12.44 6.11 8.87
N ALA A 93 12.23 4.98 8.21
CA ALA A 93 13.30 4.25 7.54
C ALA A 93 12.95 4.16 6.06
N PHE A 94 13.93 3.84 5.23
CA PHE A 94 13.73 3.84 3.78
C PHE A 94 13.25 2.49 3.26
N LYS A 95 12.30 2.53 2.32
CA LYS A 95 11.79 1.34 1.66
C LYS A 95 11.98 1.46 0.16
N ALA A 96 12.66 0.48 -0.43
CA ALA A 96 12.95 0.52 -1.86
C ALA A 96 12.24 -0.59 -2.63
N ALA A 97 11.66 -1.54 -1.90
CA ALA A 97 10.95 -2.66 -2.51
C ALA A 97 10.19 -3.50 -1.49
N ILE A 98 9.50 -4.51 -2.00
CA ILE A 98 8.97 -5.59 -1.17
C ILE A 98 9.65 -6.87 -1.60
N LYS A 99 10.26 -7.58 -0.65
CA LYS A 99 10.88 -8.86 -0.96
C LYS A 99 9.97 -10.00 -0.54
N PHE A 100 9.60 -10.85 -1.48
CA PHE A 100 8.74 -11.98 -1.18
C PHE A 100 9.56 -13.25 -0.97
N VAL A 101 9.43 -13.85 0.21
CA VAL A 101 10.22 -15.02 0.57
C VAL A 101 9.34 -16.26 0.67
N ASN A 102 9.77 -17.33 -0.01
CA ASN A 102 9.11 -18.62 -0.01
C ASN A 102 7.69 -18.58 -0.58
N TRP A 103 7.45 -17.65 -1.49
CA TRP A 103 6.14 -17.54 -2.15
C TRP A 103 6.07 -18.42 -3.40
N ARG A 104 7.22 -18.68 -4.00
CA ARG A 104 7.27 -19.40 -5.28
C ARG A 104 7.02 -20.89 -5.12
N LYS A 105 7.77 -21.53 -4.23
CA LYS A 105 7.64 -22.96 -4.01
C LYS A 105 7.48 -23.28 -2.53
N SER A 106 7.10 -24.52 -2.23
CA SER A 106 7.05 -24.99 -0.85
C SER A 106 8.43 -24.80 -0.23
N PRO A 107 8.47 -24.28 1.02
CA PRO A 107 9.72 -23.94 1.69
C PRO A 107 10.76 -25.07 1.67
N ASP A 108 11.99 -24.71 1.32
CA ASP A 108 13.10 -25.64 1.28
C ASP A 108 14.34 -24.92 1.81
N PRO A 109 14.81 -25.29 3.01
CA PRO A 109 15.93 -24.61 3.66
C PRO A 109 17.23 -24.65 2.86
N SER A 110 17.30 -25.51 1.86
CA SER A 110 18.49 -25.60 1.01
C SER A 110 18.35 -24.70 -0.20
N ARG A 111 17.16 -24.13 -0.39
CA ARG A 111 16.89 -23.27 -1.54
C ARG A 111 16.65 -21.82 -1.13
N ASP A 112 17.24 -20.91 -1.89
CA ASP A 112 17.01 -19.48 -1.71
C ASP A 112 15.82 -19.05 -2.56
N ASP A 113 14.67 -18.88 -1.92
CA ASP A 113 13.45 -18.49 -2.61
C ASP A 113 13.07 -17.05 -2.26
N HIS A 114 13.55 -16.10 -3.07
CA HIS A 114 13.18 -14.71 -2.88
C HIS A 114 13.08 -14.00 -4.23
N PHE A 115 12.22 -12.99 -4.29
CA PHE A 115 12.19 -12.08 -5.43
C PHE A 115 11.70 -10.71 -4.98
N TYR A 116 12.09 -9.68 -5.72
CA TYR A 116 11.73 -8.32 -5.37
C TYR A 116 10.60 -7.77 -6.24
N HIS A 117 9.69 -7.02 -5.62
CA HIS A 117 8.78 -6.15 -6.35
C HIS A 117 9.28 -4.73 -6.12
N LEU A 118 9.90 -4.16 -7.15
CA LEU A 118 10.62 -2.91 -6.99
C LEU A 118 9.80 -1.69 -7.38
N PHE A 119 10.10 -0.55 -6.76
CA PHE A 119 9.54 0.73 -7.17
C PHE A 119 10.17 1.15 -8.49
N GLY A 120 9.50 2.03 -9.22
CA GLY A 120 10.06 2.56 -10.45
C GLY A 120 9.57 1.91 -11.72
N ASN A 121 9.94 2.48 -12.87
CA ASN A 121 9.46 2.03 -14.16
C ASN A 121 10.54 1.22 -14.89
N VAL A 122 10.10 0.29 -15.74
CA VAL A 122 11.01 -0.48 -16.57
C VAL A 122 11.21 0.23 -17.91
N PRO A 123 12.47 0.36 -18.35
CA PRO A 123 12.77 0.99 -19.63
C PRO A 123 12.09 0.31 -20.81
N ASN A 124 11.75 1.09 -21.84
CA ASN A 124 11.21 0.53 -23.08
C ASN A 124 12.26 0.56 -24.17
N CYS A 125 12.20 -0.40 -25.08
CA CYS A 125 13.11 -0.46 -26.21
C CYS A 125 12.33 -0.65 -27.50
N ASP A 126 12.24 0.41 -28.29
CA ASP A 126 11.44 0.43 -29.53
C ASP A 126 10.00 0.06 -29.26
N GLY A 127 9.42 0.66 -28.22
CA GLY A 127 8.01 0.46 -27.90
C GLY A 127 7.70 -0.83 -27.18
N VAL A 128 8.73 -1.51 -26.70
CA VAL A 128 8.55 -2.78 -25.98
C VAL A 128 9.36 -2.76 -24.69
N PRO A 129 8.71 -3.08 -23.55
CA PRO A 129 9.40 -3.08 -22.25
C PRO A 129 10.52 -4.11 -22.18
N LEU A 130 11.54 -3.83 -21.38
CA LEU A 130 12.70 -4.71 -21.23
C LEU A 130 12.31 -6.10 -20.70
N THR A 131 11.18 -6.17 -20.01
CA THR A 131 10.69 -7.44 -19.47
C THR A 131 10.49 -8.48 -20.58
N HIS A 132 10.08 -8.00 -21.74
CA HIS A 132 9.78 -8.89 -22.87
C HIS A 132 11.03 -9.28 -23.65
N TYR A 133 12.06 -8.43 -23.61
CA TYR A 133 13.35 -8.78 -24.20
C TYR A 133 14.05 -9.79 -23.30
N TRP A 134 13.82 -9.66 -21.99
CA TRP A 134 14.36 -10.60 -21.02
C TRP A 134 13.76 -11.99 -21.21
N LEU A 135 12.45 -12.03 -21.45
CA LEU A 135 11.73 -13.30 -21.60
C LEU A 135 12.25 -14.07 -22.80
N ARG A 136 12.50 -13.35 -23.89
CA ARG A 136 13.03 -13.95 -25.10
C ARG A 136 14.41 -14.55 -24.83
N LYS A 137 15.21 -13.85 -24.02
CA LYS A 137 16.53 -14.33 -23.65
C LYS A 137 16.43 -15.62 -22.84
N ARG A 138 15.46 -15.66 -21.92
CA ARG A 138 15.27 -16.82 -21.07
CA ARG A 138 15.27 -16.83 -21.08
C ARG A 138 14.86 -18.04 -21.90
N GLU A 139 14.12 -17.80 -22.98
CA GLU A 139 13.71 -18.86 -23.89
C GLU A 139 14.94 -19.50 -24.52
N GLN A 140 16.00 -18.70 -24.67
CA GLN A 140 17.24 -19.17 -25.28
C GLN A 140 18.27 -19.61 -24.23
N GLY A 141 17.84 -19.65 -22.97
CA GLY A 141 18.68 -20.21 -21.92
C GLY A 141 19.17 -19.26 -20.84
N PHE A 142 18.90 -17.97 -21.01
CA PHE A 142 19.35 -16.95 -20.06
C PHE A 142 18.85 -17.25 -18.64
N GLN A 143 19.77 -17.30 -17.68
CA GLN A 143 19.46 -17.81 -16.35
C GLN A 143 19.06 -16.74 -15.34
N GLN A 144 19.63 -15.55 -15.47
CA GLN A 144 19.41 -14.47 -14.50
C GLN A 144 17.92 -14.13 -14.36
N PRO A 145 17.43 -14.02 -13.12
CA PRO A 145 16.05 -13.64 -12.82
C PRO A 145 15.67 -12.29 -13.44
N MET A 146 14.39 -12.12 -13.76
CA MET A 146 13.91 -10.93 -14.47
C MET A 146 14.32 -9.62 -13.81
N GLU A 147 13.99 -9.47 -12.54
CA GLU A 147 14.15 -8.18 -11.87
C GLU A 147 15.61 -7.80 -11.67
N TYR A 148 16.50 -8.80 -11.71
CA TYR A 148 17.93 -8.55 -11.58
C TYR A 148 18.50 -8.10 -12.91
N ALA A 149 17.80 -8.43 -13.99
CA ALA A 149 18.22 -8.04 -15.32
C ALA A 149 17.63 -6.69 -15.71
N CYS A 150 16.38 -6.45 -15.28
CA CYS A 150 15.64 -5.28 -15.75
C CYS A 150 15.68 -4.09 -14.78
N TYR A 151 16.15 -4.30 -13.56
CA TYR A 151 16.30 -3.21 -12.60
C TYR A 151 17.76 -3.10 -12.12
N PRO A 152 18.21 -1.88 -11.80
CA PRO A 152 19.60 -1.70 -11.36
C PRO A 152 19.85 -1.89 -9.85
N GLN A 153 18.80 -1.89 -9.03
CA GLN A 153 19.00 -1.88 -7.58
C GLN A 153 18.79 -3.17 -6.75
N PRO A 154 18.32 -4.29 -7.33
CA PRO A 154 18.07 -5.43 -6.43
C PRO A 154 19.29 -5.93 -5.66
N GLY A 155 20.44 -6.00 -6.32
CA GLY A 155 21.66 -6.42 -5.67
C GLY A 155 22.06 -5.50 -4.55
N ALA A 156 21.81 -4.21 -4.73
CA ALA A 156 22.08 -3.21 -3.71
C ALA A 156 21.20 -3.44 -2.49
N LEU A 157 19.96 -3.85 -2.72
CA LEU A 157 19.03 -4.15 -1.65
C LEU A 157 19.47 -5.39 -0.89
N ASP A 158 20.01 -6.35 -1.63
CA ASP A 158 20.59 -7.55 -1.02
C ASP A 158 21.73 -7.17 -0.08
N GLY A 159 22.45 -6.11 -0.45
CA GLY A 159 23.54 -5.60 0.37
C GLY A 159 23.09 -4.62 1.43
N LYS A 160 21.78 -4.46 1.54
CA LYS A 160 21.18 -3.58 2.54
C LYS A 160 21.69 -2.15 2.43
N LEU A 161 21.85 -1.67 1.20
CA LEU A 161 22.37 -0.33 0.96
C LEU A 161 21.26 0.72 0.94
N ALA A 162 21.63 1.96 1.20
CA ALA A 162 20.69 3.07 1.22
C ALA A 162 20.20 3.41 -0.19
N PRO A 163 19.00 4.03 -0.29
CA PRO A 163 18.48 4.43 -1.59
C PRO A 163 19.09 5.76 -2.07
N CYS A 164 19.93 6.37 -1.24
CA CYS A 164 20.56 7.64 -1.59
C CYS A 164 22.05 7.62 -1.33
N LEU A 165 22.79 8.46 -2.05
CA LEU A 165 24.20 8.68 -1.75
C LEU A 165 24.31 9.41 -0.42
N SER A 166 25.52 9.47 0.12
CA SER A 166 25.74 10.09 1.43
C SER A 166 25.35 11.57 1.43
N ASP A 167 25.52 12.23 0.29
CA ASP A 167 25.19 13.66 0.19
C ASP A 167 23.70 13.89 -0.02
N GLY A 168 22.94 12.80 -0.07
CA GLY A 168 21.49 12.90 -0.21
C GLY A 168 20.97 12.75 -1.62
N THR A 169 21.88 12.49 -2.56
CA THR A 169 21.50 12.32 -3.96
C THR A 169 20.69 11.04 -4.15
N ARG A 170 19.48 11.19 -4.68
CA ARG A 170 18.60 10.06 -4.95
C ARG A 170 19.23 9.13 -6.00
N GLN A 171 19.18 7.83 -5.72
CA GLN A 171 19.80 6.84 -6.61
C GLN A 171 18.79 5.79 -7.06
N MET A 172 17.65 5.75 -6.39
CA MET A 172 16.57 4.83 -6.74
C MET A 172 15.26 5.31 -6.15
N SER A 173 14.16 4.93 -6.77
CA SER A 173 12.84 5.26 -6.25
C SER A 173 12.66 4.59 -4.90
N HIS A 174 12.03 5.28 -3.96
CA HIS A 174 11.86 4.71 -2.62
C HIS A 174 10.63 5.25 -1.90
N ALA A 175 10.22 4.51 -0.87
CA ALA A 175 9.17 4.96 0.02
C ALA A 175 9.66 4.82 1.46
N TRP A 176 8.75 4.61 2.41
CA TRP A 176 9.10 4.74 3.82
C TRP A 176 8.47 3.71 4.75
N HIS A 177 9.21 3.38 5.81
CA HIS A 177 8.68 2.61 6.93
C HIS A 177 8.56 3.54 8.13
N PHE A 178 7.41 3.50 8.81
CA PHE A 178 7.24 4.28 10.02
C PHE A 178 6.05 3.82 10.86
N ASP A 179 6.04 4.21 12.12
CA ASP A 179 4.89 3.99 12.99
C ASP A 179 3.81 5.02 12.67
N ALA A 180 2.66 4.54 12.21
CA ALA A 180 1.58 5.41 11.77
C ALA A 180 1.04 6.29 12.90
N HIS A 181 1.27 5.86 14.14
CA HIS A 181 0.88 6.66 15.30
C HIS A 181 1.58 8.01 15.28
N LEU A 182 2.85 8.00 14.89
CA LEU A 182 3.68 9.20 14.90
C LEU A 182 3.32 10.16 13.76
N VAL A 183 2.90 9.62 12.62
CA VAL A 183 2.53 10.49 11.50
C VAL A 183 1.18 11.12 11.79
N ALA A 184 0.38 10.45 12.61
CA ALA A 184 -0.90 10.98 13.04
C ALA A 184 -0.66 12.15 14.00
N ASP A 185 0.29 11.97 14.91
CA ASP A 185 0.66 13.02 15.86
C ASP A 185 1.25 14.22 15.12
N PHE A 186 2.08 13.95 14.13
CA PHE A 186 2.72 14.99 13.33
C PHE A 186 1.68 15.83 12.59
N LEU A 187 0.75 15.15 11.93
CA LEU A 187 -0.30 15.82 11.18
C LEU A 187 -1.29 16.50 12.13
N LYS A 188 -1.46 15.93 13.32
CA LYS A 188 -2.31 16.53 14.34
C LYS A 188 -1.79 17.92 14.68
N ARG A 189 -0.50 18.00 15.01
CA ARG A 189 0.13 19.27 15.35
C ARG A 189 0.08 20.25 14.18
N TRP A 190 0.27 19.72 12.97
CA TRP A 190 0.27 20.53 11.77
C TRP A 190 -1.11 21.11 11.48
N ALA A 191 -2.13 20.28 11.61
CA ALA A 191 -3.50 20.67 11.28
C ALA A 191 -4.11 21.59 12.35
N VAL A 192 -3.86 21.28 13.61
CA VAL A 192 -4.37 22.08 14.72
C VAL A 192 -3.80 23.49 14.67
N GLU A 193 -2.52 23.59 14.31
CA GLU A 193 -1.84 24.88 14.21
C GLU A 193 -2.46 25.74 13.12
N ARG A 194 -3.10 25.10 12.15
CA ARG A 194 -3.70 25.82 11.03
C ARG A 194 -5.23 25.90 11.13
N GLY A 195 -5.74 25.79 12.35
CA GLY A 195 -7.13 26.12 12.60
C GLY A 195 -8.12 24.98 12.84
N VAL A 196 -7.65 23.74 12.70
CA VAL A 196 -8.52 22.60 12.93
C VAL A 196 -8.86 22.49 14.41
N ASN A 197 -10.15 22.40 14.72
CA ASN A 197 -10.61 22.30 16.10
C ASN A 197 -10.60 20.84 16.57
N ARG A 198 -9.82 20.56 17.59
CA ARG A 198 -9.67 19.19 18.09
C ARG A 198 -10.54 18.95 19.33
N VAL A 199 -11.37 17.92 19.27
CA VAL A 199 -12.24 17.58 20.39
C VAL A 199 -11.98 16.15 20.84
N VAL A 200 -11.61 15.99 22.11
CA VAL A 200 -11.41 14.67 22.68
C VAL A 200 -12.69 14.23 23.37
N ASP A 201 -13.45 13.38 22.70
CA ASP A 201 -14.74 12.90 23.19
C ASP A 201 -15.16 11.68 22.39
N GLU A 202 -16.26 11.04 22.78
CA GLU A 202 -16.72 9.84 22.09
C GLU A 202 -18.19 9.94 21.69
N VAL A 203 -18.44 9.81 20.39
CA VAL A 203 -19.79 9.81 19.84
C VAL A 203 -20.52 8.53 20.27
N VAL A 204 -21.73 8.69 20.81
CA VAL A 204 -22.49 7.55 21.30
C VAL A 204 -23.75 7.33 20.46
N ASP A 205 -24.26 8.40 19.85
CA ASP A 205 -25.45 8.30 19.02
C ASP A 205 -25.38 9.23 17.81
N VAL A 206 -25.85 8.74 16.67
CA VAL A 206 -25.92 9.54 15.45
C VAL A 206 -27.38 9.69 15.03
N ARG A 207 -27.83 10.94 14.90
CA ARG A 207 -29.23 11.21 14.55
C ARG A 207 -29.38 11.55 13.08
N LEU A 208 -30.31 10.88 12.42
CA LEU A 208 -30.62 11.16 11.02
C LEU A 208 -32.00 11.82 10.93
N ASN A 209 -32.19 12.65 9.90
CA ASN A 209 -33.53 13.18 9.63
C ASN A 209 -34.33 12.12 8.89
N ASN A 210 -35.55 12.47 8.49
CA ASN A 210 -36.40 11.52 7.79
C ASN A 210 -35.90 11.25 6.37
N ARG A 211 -35.09 12.17 5.84
CA ARG A 211 -34.49 11.99 4.53
C ARG A 211 -33.37 10.96 4.59
N GLY A 212 -32.73 10.87 5.75
CA GLY A 212 -31.65 9.92 5.95
C GLY A 212 -30.28 10.58 5.99
N TYR A 213 -30.26 11.90 6.07
CA TYR A 213 -29.00 12.64 6.18
C TYR A 213 -28.61 12.81 7.64
N ILE A 214 -27.31 12.87 7.91
CA ILE A 214 -26.83 13.03 9.27
C ILE A 214 -27.17 14.42 9.79
N SER A 215 -27.95 14.46 10.86
CA SER A 215 -28.32 15.73 11.47
C SER A 215 -27.27 16.18 12.48
N ASN A 216 -27.01 15.32 13.46
CA ASN A 216 -26.08 15.67 14.53
C ASN A 216 -25.43 14.44 15.17
N LEU A 217 -24.37 14.68 15.94
CA LEU A 217 -23.68 13.63 16.67
C LEU A 217 -23.81 13.87 18.16
N LEU A 218 -24.30 12.86 18.88
CA LEU A 218 -24.38 12.95 20.34
C LEU A 218 -23.16 12.28 20.96
N THR A 219 -22.45 13.01 21.81
CA THR A 219 -21.23 12.48 22.41
C THR A 219 -21.45 11.92 23.81
N LYS A 220 -20.37 11.47 24.43
CA LYS A 220 -20.43 10.89 25.76
C LYS A 220 -20.48 11.98 26.82
N GLU A 221 -19.85 13.11 26.54
CA GLU A 221 -19.84 14.23 27.47
C GLU A 221 -21.01 15.19 27.22
N GLY A 222 -21.99 14.73 26.46
CA GLY A 222 -23.23 15.48 26.25
C GLY A 222 -23.18 16.55 25.19
N ARG A 223 -22.13 16.54 24.37
CA ARG A 223 -22.00 17.53 23.30
C ARG A 223 -22.78 17.10 22.06
N THR A 224 -23.41 18.08 21.40
CA THR A 224 -24.12 17.82 20.15
C THR A 224 -23.38 18.49 19.00
N LEU A 225 -22.78 17.67 18.14
CA LEU A 225 -22.01 18.18 17.01
C LEU A 225 -22.84 18.22 15.73
N GLU A 226 -22.81 19.37 15.06
CA GLU A 226 -23.51 19.53 13.78
C GLU A 226 -22.55 20.02 12.70
N ALA A 227 -22.87 19.72 11.44
CA ALA A 227 -22.04 20.12 10.32
C ALA A 227 -22.78 20.02 9.00
N ASP A 228 -22.17 20.58 7.95
CA ASP A 228 -22.69 20.43 6.61
C ASP A 228 -22.18 19.12 6.02
N LEU A 229 -20.94 18.80 6.31
CA LEU A 229 -20.28 17.61 5.78
C LEU A 229 -19.61 16.81 6.90
N PHE A 230 -19.88 15.51 6.92
CA PHE A 230 -19.28 14.61 7.90
C PHE A 230 -18.29 13.67 7.24
N ILE A 231 -17.11 13.53 7.86
CA ILE A 231 -16.11 12.59 7.37
C ILE A 231 -15.96 11.46 8.37
N ASP A 232 -16.24 10.24 7.93
CA ASP A 232 -16.15 9.07 8.80
C ASP A 232 -14.76 8.45 8.74
N CYS A 233 -13.97 8.68 9.79
CA CYS A 233 -12.66 8.06 9.93
C CYS A 233 -12.61 7.28 11.25
N SER A 234 -13.70 6.58 11.55
CA SER A 234 -13.85 5.92 12.84
C SER A 234 -13.28 4.50 12.84
N GLY A 235 -12.64 4.11 11.74
CA GLY A 235 -12.06 2.78 11.65
C GLY A 235 -13.03 1.73 11.17
N MET A 236 -12.69 0.47 11.38
CA MET A 236 -13.44 -0.67 10.86
C MET A 236 -14.92 -0.68 11.24
N ARG A 237 -15.25 -0.07 12.36
CA ARG A 237 -16.63 -0.10 12.86
C ARG A 237 -17.57 0.73 12.00
N GLY A 238 -17.01 1.70 11.28
CA GLY A 238 -17.78 2.59 10.43
C GLY A 238 -18.96 3.21 11.14
N LEU A 239 -18.66 4.02 12.16
CA LEU A 239 -19.66 4.60 13.03
C LEU A 239 -20.79 5.30 12.26
N LEU A 240 -20.41 6.09 11.26
CA LEU A 240 -21.38 6.87 10.50
C LEU A 240 -21.86 6.11 9.27
N ILE A 241 -20.92 5.67 8.44
CA ILE A 241 -21.26 5.11 7.13
C ILE A 241 -21.96 3.74 7.24
N ASN A 242 -21.52 2.92 8.18
CA ASN A 242 -22.05 1.55 8.28
C ASN A 242 -23.15 1.43 9.32
N GLN A 243 -22.91 1.98 10.51
CA GLN A 243 -23.82 1.80 11.62
C GLN A 243 -25.04 2.73 11.55
N ALA A 244 -24.78 4.01 11.29
CA ALA A 244 -25.84 5.01 11.24
C ALA A 244 -26.57 4.98 9.90
N LEU A 245 -25.82 5.10 8.81
CA LEU A 245 -26.39 5.21 7.48
C LEU A 245 -26.72 3.86 6.85
N LYS A 246 -26.37 2.79 7.54
CA LYS A 246 -26.70 1.43 7.14
C LYS A 246 -26.15 1.02 5.76
N GLU A 247 -25.11 1.72 5.30
CA GLU A 247 -24.51 1.36 4.02
C GLU A 247 -23.85 -0.01 4.15
N PRO A 248 -24.29 -0.98 3.34
CA PRO A 248 -23.77 -2.36 3.42
C PRO A 248 -22.29 -2.46 3.06
N PHE A 249 -21.58 -3.29 3.83
CA PHE A 249 -20.18 -3.57 3.56
C PHE A 249 -20.10 -4.81 2.68
N ILE A 250 -19.35 -4.72 1.58
CA ILE A 250 -19.23 -5.85 0.67
C ILE A 250 -18.09 -6.75 1.13
N ASP A 251 -18.45 -7.86 1.77
CA ASP A 251 -17.47 -8.83 2.22
C ASP A 251 -16.88 -9.54 1.01
N MET A 252 -15.56 -9.51 0.91
CA MET A 252 -14.87 -10.12 -0.23
C MET A 252 -13.94 -11.24 0.23
N SER A 253 -14.40 -12.04 1.18
CA SER A 253 -13.65 -13.19 1.66
C SER A 253 -13.61 -14.32 0.64
N ASP A 254 -14.43 -14.18 -0.41
CA ASP A 254 -14.42 -15.12 -1.51
C ASP A 254 -13.33 -14.76 -2.52
N TYR A 255 -12.85 -13.52 -2.43
CA TYR A 255 -11.73 -13.06 -3.25
C TYR A 255 -10.41 -13.36 -2.55
N LEU A 256 -10.34 -13.02 -1.26
CA LEU A 256 -9.12 -13.20 -0.49
C LEU A 256 -9.42 -13.87 0.85
N LEU A 257 -8.54 -14.76 1.29
CA LEU A 257 -8.85 -15.68 2.38
C LEU A 257 -8.48 -15.21 3.78
N CYS A 258 -7.44 -14.38 3.89
CA CYS A 258 -6.95 -13.95 5.20
C CYS A 258 -7.91 -12.99 5.90
N ASP A 259 -8.03 -13.14 7.21
CA ASP A 259 -8.95 -12.31 7.99
C ASP A 259 -8.37 -11.93 9.35
N SER A 260 -7.10 -12.25 9.58
CA SER A 260 -6.53 -12.03 10.90
C SER A 260 -5.03 -11.71 10.83
N ALA A 261 -4.49 -11.32 11.98
CA ALA A 261 -3.06 -11.04 12.10
C ALA A 261 -2.62 -11.07 13.56
N VAL A 262 -1.44 -11.63 13.79
CA VAL A 262 -0.80 -11.53 15.09
C VAL A 262 0.51 -10.76 14.89
N ALA A 263 0.63 -9.62 15.55
CA ALA A 263 1.74 -8.72 15.28
C ALA A 263 2.48 -8.28 16.53
N SER A 264 3.72 -7.84 16.33
CA SER A 264 4.55 -7.32 17.40
C SER A 264 5.74 -6.57 16.81
N ALA A 265 6.58 -6.01 17.68
CA ALA A 265 7.84 -5.41 17.26
C ALA A 265 8.98 -6.26 17.76
N VAL A 266 10.00 -6.44 16.92
CA VAL A 266 11.14 -7.27 17.28
C VAL A 266 12.42 -6.45 17.24
N PRO A 267 13.16 -6.42 18.36
CA PRO A 267 14.43 -5.70 18.45
C PRO A 267 15.44 -6.20 17.42
N ASN A 268 16.22 -5.27 16.87
CA ASN A 268 17.19 -5.61 15.84
C ASN A 268 18.54 -4.95 16.14
N ASP A 269 19.60 -5.75 16.10
CA ASP A 269 20.94 -5.22 16.28
C ASP A 269 21.45 -4.68 14.95
N ASP A 270 21.09 -3.44 14.65
CA ASP A 270 21.39 -2.83 13.36
C ASP A 270 22.89 -2.67 13.12
N ALA A 271 23.67 -2.61 14.20
CA ALA A 271 25.11 -2.41 14.11
C ALA A 271 25.81 -3.60 13.45
N ARG A 272 25.26 -4.79 13.64
CA ARG A 272 25.88 -6.01 13.10
C ARG A 272 25.02 -6.70 12.06
N ASP A 273 23.75 -6.33 11.99
CA ASP A 273 22.82 -6.97 11.06
C ASP A 273 22.36 -5.98 9.98
N GLY A 274 22.55 -4.69 10.23
CA GLY A 274 22.12 -3.67 9.29
C GLY A 274 20.62 -3.48 9.28
N VAL A 275 20.15 -2.53 8.47
CA VAL A 275 18.73 -2.29 8.32
C VAL A 275 18.34 -2.53 6.87
N GLU A 276 17.47 -3.52 6.65
CA GLU A 276 17.01 -3.85 5.32
C GLU A 276 16.18 -2.71 4.74
N PRO A 277 16.59 -2.19 3.58
CA PRO A 277 15.90 -1.09 2.89
C PRO A 277 14.68 -1.56 2.12
N TYR A 278 13.92 -2.49 2.69
CA TYR A 278 12.74 -3.02 2.03
C TYR A 278 11.81 -3.74 3.01
N THR A 279 10.55 -3.84 2.64
CA THR A 279 9.58 -4.64 3.38
C THR A 279 9.70 -6.09 2.94
N SER A 280 9.58 -7.03 3.87
CA SER A 280 9.60 -8.44 3.52
C SER A 280 8.21 -9.06 3.66
N SER A 281 7.91 -9.99 2.76
CA SER A 281 6.68 -10.77 2.86
C SER A 281 7.04 -12.25 2.86
N ILE A 282 7.04 -12.85 4.05
CA ILE A 282 7.47 -14.23 4.20
C ILE A 282 6.28 -15.16 4.24
N ALA A 283 6.14 -15.96 3.19
CA ALA A 283 5.01 -16.88 3.07
C ALA A 283 5.02 -17.93 4.18
N MET A 284 3.88 -18.09 4.83
CA MET A 284 3.74 -19.08 5.90
C MET A 284 2.84 -20.21 5.43
N ASN A 285 2.40 -21.05 6.37
CA ASN A 285 1.56 -22.18 6.05
C ASN A 285 0.13 -21.77 5.72
N SER A 286 -0.38 -20.79 6.46
CA SER A 286 -1.76 -20.33 6.26
C SER A 286 -1.82 -18.83 6.10
N GLY A 287 -0.83 -18.26 5.42
CA GLY A 287 -0.76 -16.84 5.21
C GLY A 287 0.64 -16.36 4.91
N TRP A 288 0.98 -15.18 5.42
CA TRP A 288 2.30 -14.59 5.19
C TRP A 288 2.66 -13.62 6.31
N THR A 289 3.95 -13.46 6.56
CA THR A 289 4.43 -12.59 7.62
C THR A 289 5.16 -11.37 7.07
N TRP A 290 4.72 -10.17 7.47
CA TRP A 290 5.41 -8.97 7.03
C TRP A 290 6.59 -8.67 7.93
N LYS A 291 7.60 -8.03 7.34
CA LYS A 291 8.74 -7.54 8.10
C LYS A 291 9.01 -6.10 7.67
N ILE A 292 8.84 -5.17 8.60
CA ILE A 292 8.96 -3.75 8.27
C ILE A 292 10.04 -3.11 9.15
N PRO A 293 11.28 -3.06 8.62
CA PRO A 293 12.46 -2.58 9.34
C PRO A 293 12.42 -1.09 9.67
N MET A 294 12.83 -0.77 10.89
CA MET A 294 13.06 0.61 11.30
C MET A 294 14.38 0.62 12.08
N LEU A 295 14.77 1.78 12.59
CA LEU A 295 15.99 1.85 13.40
C LEU A 295 15.76 1.20 14.76
N GLY A 296 16.59 0.21 15.08
CA GLY A 296 16.54 -0.45 16.37
C GLY A 296 15.58 -1.62 16.47
N ARG A 297 14.68 -1.74 15.50
CA ARG A 297 13.65 -2.78 15.53
C ARG A 297 12.99 -2.95 14.16
N PHE A 298 12.25 -4.04 14.01
CA PHE A 298 11.37 -4.18 12.86
C PHE A 298 9.99 -4.65 13.31
N GLY A 299 8.96 -4.02 12.76
CA GLY A 299 7.60 -4.47 12.99
C GLY A 299 7.35 -5.74 12.20
N SER A 300 6.58 -6.66 12.77
CA SER A 300 6.30 -7.92 12.09
C SER A 300 4.90 -8.42 12.43
N GLY A 301 4.26 -9.06 11.46
CA GLY A 301 2.93 -9.59 11.65
C GLY A 301 2.57 -10.73 10.72
N TYR A 302 2.13 -11.84 11.32
CA TYR A 302 1.66 -12.99 10.57
C TYR A 302 0.20 -12.78 10.18
N VAL A 303 -0.02 -12.44 8.91
CA VAL A 303 -1.36 -12.35 8.36
C VAL A 303 -1.84 -13.74 8.00
N PHE A 304 -2.97 -14.16 8.56
CA PHE A 304 -3.43 -15.52 8.33
C PHE A 304 -4.94 -15.63 8.15
N SER A 305 -5.37 -16.79 7.66
CA SER A 305 -6.79 -17.10 7.53
C SER A 305 -7.24 -17.98 8.68
N SER A 306 -8.26 -17.54 9.41
CA SER A 306 -8.75 -18.26 10.58
C SER A 306 -9.41 -19.58 10.18
N HIS A 307 -9.73 -19.72 8.91
CA HIS A 307 -10.38 -20.92 8.40
C HIS A 307 -9.37 -22.04 8.13
N PHE A 308 -8.09 -21.72 8.21
CA PHE A 308 -7.04 -22.70 7.91
C PHE A 308 -6.07 -22.88 9.08
N THR A 309 -6.07 -21.91 10.00
CA THR A 309 -5.27 -22.02 11.21
C THR A 309 -5.91 -21.23 12.34
N SER A 310 -5.70 -21.71 13.57
CA SER A 310 -6.21 -21.00 14.74
C SER A 310 -5.29 -19.82 15.07
N ARG A 311 -5.83 -18.85 15.80
CA ARG A 311 -5.03 -17.72 16.25
C ARG A 311 -3.92 -18.20 17.17
N ASP A 312 -4.22 -19.25 17.94
CA ASP A 312 -3.25 -19.83 18.85
C ASP A 312 -2.08 -20.45 18.07
N GLN A 313 -2.41 -21.19 17.01
CA GLN A 313 -1.39 -21.84 16.19
C GLN A 313 -0.58 -20.81 15.43
N ALA A 314 -1.27 -19.80 14.89
CA ALA A 314 -0.63 -18.72 14.16
C ALA A 314 0.32 -17.94 15.08
N THR A 315 -0.08 -17.79 16.33
CA THR A 315 0.74 -17.12 17.33
C THR A 315 2.05 -17.89 17.57
N ALA A 316 1.93 -19.21 17.66
CA ALA A 316 3.08 -20.07 17.91
C ALA A 316 4.05 -20.03 16.74
N ASP A 317 3.52 -20.03 15.52
CA ASP A 317 4.34 -19.95 14.32
C ASP A 317 5.09 -18.63 14.24
N PHE A 318 4.41 -17.56 14.65
CA PHE A 318 4.98 -16.21 14.61
C PHE A 318 6.15 -16.09 15.59
N LEU A 319 5.95 -16.58 16.81
CA LEU A 319 6.97 -16.55 17.84
C LEU A 319 8.18 -17.40 17.43
N LYS A 320 7.89 -18.56 16.83
CA LYS A 320 8.94 -19.49 16.41
C LYS A 320 9.75 -18.94 15.24
N LEU A 321 9.09 -18.17 14.39
CA LEU A 321 9.74 -17.59 13.21
C LEU A 321 10.87 -16.63 13.60
N TRP A 322 10.64 -15.84 14.65
CA TRP A 322 11.63 -14.87 15.09
C TRP A 322 12.31 -15.28 16.39
N GLY A 323 11.97 -16.47 16.87
CA GLY A 323 12.54 -16.96 18.12
C GLY A 323 12.14 -16.13 19.32
N LEU A 324 10.90 -15.66 19.33
CA LEU A 324 10.38 -14.86 20.43
C LEU A 324 9.86 -15.76 21.54
N SER A 325 9.72 -15.20 22.74
CA SER A 325 9.36 -15.98 23.91
C SER A 325 7.86 -15.95 24.17
N ASP A 326 7.40 -16.78 25.11
CA ASP A 326 5.99 -16.86 25.45
C ASP A 326 5.54 -15.65 26.27
N ASN A 327 6.48 -14.77 26.59
CA ASN A 327 6.17 -13.57 27.37
C ASN A 327 6.06 -12.34 26.48
N GLN A 328 6.43 -12.50 25.21
CA GLN A 328 6.39 -11.41 24.24
C GLN A 328 4.97 -10.86 24.06
N PRO A 329 4.77 -9.57 24.36
CA PRO A 329 3.47 -8.92 24.14
C PRO A 329 3.07 -8.93 22.67
N LEU A 330 1.84 -9.32 22.38
CA LEU A 330 1.40 -9.46 20.99
C LEU A 330 0.18 -8.61 20.68
N ASN A 331 0.11 -8.14 19.44
CA ASN A 331 -1.04 -7.38 18.96
C ASN A 331 -1.94 -8.29 18.14
N GLN A 332 -3.01 -8.78 18.77
CA GLN A 332 -3.92 -9.70 18.10
C GLN A 332 -4.98 -8.91 17.31
N ILE A 333 -4.92 -9.05 15.99
CA ILE A 333 -5.76 -8.26 15.10
C ILE A 333 -6.70 -9.16 14.30
N LYS A 334 -7.88 -8.65 13.98
CA LYS A 334 -8.76 -9.28 12.99
C LYS A 334 -9.36 -8.19 12.10
N PHE A 335 -9.81 -8.59 10.92
CA PHE A 335 -10.37 -7.62 9.96
C PHE A 335 -11.29 -8.29 8.96
N ARG A 336 -12.09 -7.47 8.27
CA ARG A 336 -12.88 -7.95 7.14
C ARG A 336 -12.34 -7.37 5.84
N VAL A 337 -12.13 -8.24 4.86
CA VAL A 337 -11.66 -7.80 3.55
C VAL A 337 -12.83 -7.34 2.72
N GLY A 338 -12.69 -6.19 2.07
CA GLY A 338 -13.72 -5.66 1.22
C GLY A 338 -13.88 -4.15 1.31
N ARG A 339 -15.06 -3.67 0.91
CA ARG A 339 -15.34 -2.23 0.91
C ARG A 339 -16.83 -1.97 1.04
N ASN A 340 -17.18 -0.75 1.41
CA ASN A 340 -18.58 -0.32 1.39
C ASN A 340 -19.08 -0.33 -0.05
N LYS A 341 -20.38 -0.54 -0.22
CA LYS A 341 -20.98 -0.45 -1.56
C LYS A 341 -20.80 0.95 -2.11
N ARG A 342 -20.96 1.93 -1.23
CA ARG A 342 -20.71 3.33 -1.58
C ARG A 342 -19.85 3.97 -0.48
N ALA A 343 -18.76 4.60 -0.88
CA ALA A 343 -17.85 5.25 0.07
C ALA A 343 -18.45 6.54 0.60
N TRP A 344 -19.27 7.18 -0.23
CA TRP A 344 -19.87 8.46 0.11
C TRP A 344 -21.40 8.36 0.00
N VAL A 345 -22.07 8.47 1.14
CA VAL A 345 -23.53 8.39 1.18
C VAL A 345 -24.12 9.64 1.82
N ASN A 346 -25.03 10.28 1.10
CA ASN A 346 -25.65 11.53 1.53
C ASN A 346 -24.60 12.58 1.88
N ASN A 347 -24.53 12.98 3.14
CA ASN A 347 -23.57 14.00 3.57
C ASN A 347 -22.44 13.39 4.39
N CYS A 348 -22.12 12.12 4.15
CA CYS A 348 -21.05 11.45 4.89
C CYS A 348 -20.08 10.76 3.95
N VAL A 349 -18.80 11.14 4.07
CA VAL A 349 -17.73 10.53 3.29
C VAL A 349 -16.89 9.64 4.18
N SER A 350 -16.73 8.38 3.79
CA SER A 350 -15.91 7.44 4.56
C SER A 350 -14.48 7.43 4.04
N ILE A 351 -13.52 7.60 4.95
CA ILE A 351 -12.11 7.60 4.59
C ILE A 351 -11.37 6.65 5.53
N GLY A 352 -10.53 5.80 4.94
CA GLY A 352 -9.74 4.85 5.72
C GLY A 352 -10.40 3.51 5.95
N LEU A 353 -10.20 2.96 7.14
CA LEU A 353 -10.73 1.64 7.48
C LEU A 353 -12.24 1.62 7.53
N SER A 354 -12.85 2.79 7.65
CA SER A 354 -14.30 2.91 7.65
C SER A 354 -14.85 2.69 6.24
N SER A 355 -13.98 2.86 5.25
CA SER A 355 -14.37 2.73 3.85
C SER A 355 -14.09 1.34 3.30
N CYS A 356 -12.89 0.84 3.57
CA CYS A 356 -12.45 -0.43 2.98
C CYS A 356 -11.24 -0.99 3.70
N PHE A 357 -10.94 -2.27 3.47
CA PHE A 357 -9.69 -2.85 3.93
C PHE A 357 -9.13 -3.88 2.96
N LEU A 358 -7.81 -3.90 2.87
CA LEU A 358 -7.07 -4.88 2.09
C LEU A 358 -5.84 -5.27 2.89
N GLU A 359 -5.50 -6.56 2.89
CA GLU A 359 -4.33 -7.03 3.63
C GLU A 359 -3.09 -6.30 3.12
N PRO A 360 -2.15 -6.00 4.03
CA PRO A 360 -1.01 -5.13 3.69
C PRO A 360 0.04 -5.78 2.79
N LEU A 361 -0.38 -6.59 1.82
CA LEU A 361 0.57 -7.30 0.98
C LEU A 361 1.33 -6.36 0.06
N GLU A 362 0.69 -5.29 -0.36
CA GLU A 362 1.27 -4.31 -1.22
C GLU A 362 1.21 -2.87 -0.71
N SER A 363 1.16 -2.67 0.62
CA SER A 363 1.23 -1.36 1.25
C SER A 363 0.26 -0.35 0.64
N THR A 364 -1.02 -0.72 0.59
CA THR A 364 -2.02 0.12 -0.06
C THR A 364 -2.94 0.82 0.93
N GLY A 365 -2.80 0.49 2.21
CA GLY A 365 -3.66 1.03 3.25
C GLY A 365 -3.72 2.55 3.33
N ILE A 366 -2.56 3.17 3.55
CA ILE A 366 -2.47 4.62 3.66
C ILE A 366 -2.67 5.27 2.28
N TYR A 367 -2.30 4.53 1.23
CA TYR A 367 -2.55 4.98 -0.13
C TYR A 367 -4.04 5.22 -0.35
N PHE A 368 -4.86 4.29 0.14
CA PHE A 368 -6.31 4.41 0.03
C PHE A 368 -6.82 5.69 0.68
N ILE A 369 -6.11 6.15 1.70
CA ILE A 369 -6.53 7.35 2.42
C ILE A 369 -6.32 8.60 1.59
N TYR A 370 -5.08 8.88 1.18
CA TYR A 370 -4.79 10.14 0.49
C TYR A 370 -5.25 10.11 -0.97
N ALA A 371 -5.45 8.92 -1.53
CA ALA A 371 -6.01 8.81 -2.87
C ALA A 371 -7.49 9.18 -2.82
N ALA A 372 -8.17 8.73 -1.77
CA ALA A 372 -9.59 9.03 -1.59
C ALA A 372 -9.80 10.51 -1.28
N LEU A 373 -8.90 11.06 -0.46
CA LEU A 373 -8.95 12.48 -0.12
C LEU A 373 -8.72 13.34 -1.35
N TYR A 374 -7.80 12.89 -2.20
CA TYR A 374 -7.54 13.53 -3.48
C TYR A 374 -8.82 13.57 -4.31
N GLN A 375 -9.53 12.46 -4.32
CA GLN A 375 -10.77 12.35 -5.08
C GLN A 375 -11.92 13.14 -4.47
N LEU A 376 -11.90 13.29 -3.15
CA LEU A 376 -12.92 14.05 -2.45
C LEU A 376 -12.86 15.53 -2.84
N VAL A 377 -11.65 16.07 -2.89
CA VAL A 377 -11.45 17.47 -3.25
C VAL A 377 -11.80 17.68 -4.73
N LYS A 378 -11.53 16.66 -5.54
CA LYS A 378 -11.84 16.72 -6.96
C LYS A 378 -13.36 16.66 -7.19
N HIS A 379 -14.09 16.14 -6.22
CA HIS A 379 -15.54 16.03 -6.31
C HIS A 379 -16.23 16.77 -5.17
N PHE A 380 -15.60 17.84 -4.69
CA PHE A 380 -16.08 18.53 -3.49
C PHE A 380 -17.48 19.13 -3.71
N PRO A 381 -18.40 18.82 -2.79
CA PRO A 381 -19.82 19.20 -2.87
C PRO A 381 -20.11 20.59 -2.30
N ASP A 382 -21.32 21.08 -2.56
CA ASP A 382 -21.86 22.19 -1.80
C ASP A 382 -22.95 21.62 -0.90
N THR A 383 -23.73 22.49 -0.25
CA THR A 383 -24.71 22.04 0.73
C THR A 383 -25.90 21.32 0.09
N SER A 384 -26.05 21.43 -1.23
CA SER A 384 -27.14 20.75 -1.93
C SER A 384 -26.81 19.28 -2.15
N PHE A 385 -25.51 18.97 -2.09
CA PHE A 385 -25.00 17.61 -2.27
C PHE A 385 -25.55 16.93 -3.53
N ASP A 386 -25.12 17.44 -4.68
CA ASP A 386 -25.47 16.86 -5.96
C ASP A 386 -25.00 15.41 -6.02
N PRO A 387 -25.96 14.47 -6.13
CA PRO A 387 -25.67 13.03 -6.16
C PRO A 387 -24.74 12.63 -7.30
N ARG A 388 -24.68 13.45 -8.35
CA ARG A 388 -23.78 13.19 -9.47
C ARG A 388 -22.32 13.26 -9.01
N LEU A 389 -22.06 14.12 -8.02
CA LEU A 389 -20.72 14.27 -7.48
C LEU A 389 -20.30 13.04 -6.69
N SER A 390 -21.17 12.59 -5.79
CA SER A 390 -20.88 11.42 -4.96
C SER A 390 -20.86 10.14 -5.77
N ASP A 391 -21.73 10.06 -6.80
CA ASP A 391 -21.74 8.91 -7.71
C ASP A 391 -20.39 8.78 -8.41
N ALA A 392 -19.88 9.90 -8.91
CA ALA A 392 -18.60 9.93 -9.60
C ALA A 392 -17.47 9.59 -8.64
N PHE A 393 -17.54 10.13 -7.43
CA PHE A 393 -16.56 9.84 -6.38
C PHE A 393 -16.56 8.36 -6.03
N ASN A 394 -17.76 7.82 -5.80
CA ASN A 394 -17.92 6.42 -5.43
C ASN A 394 -17.36 5.48 -6.49
N ALA A 395 -17.55 5.83 -7.75
CA ALA A 395 -17.05 5.03 -8.87
C ALA A 395 -15.53 4.99 -8.86
N GLU A 396 -14.90 6.10 -8.48
CA GLU A 396 -13.46 6.18 -8.42
C GLU A 396 -12.89 5.34 -7.28
N ILE A 397 -13.61 5.32 -6.16
CA ILE A 397 -13.20 4.54 -5.01
C ILE A 397 -13.30 3.06 -5.34
N VAL A 398 -14.38 2.67 -6.01
CA VAL A 398 -14.59 1.28 -6.42
C VAL A 398 -13.45 0.82 -7.33
N HIS A 399 -13.11 1.65 -8.31
CA HIS A 399 -12.02 1.34 -9.23
C HIS A 399 -10.71 1.23 -8.47
N MET A 400 -10.45 2.17 -7.58
CA MET A 400 -9.22 2.20 -6.80
C MET A 400 -9.02 0.91 -6.00
N PHE A 401 -10.03 0.56 -5.21
CA PHE A 401 -9.94 -0.61 -4.33
C PHE A 401 -9.91 -1.93 -5.11
N ASP A 402 -10.88 -2.11 -6.00
CA ASP A 402 -11.00 -3.35 -6.76
C ASP A 402 -9.77 -3.65 -7.61
N ASP A 403 -9.10 -2.60 -8.06
CA ASP A 403 -7.90 -2.76 -8.88
C ASP A 403 -6.72 -3.25 -8.01
N CYS A 404 -6.61 -2.69 -6.81
CA CYS A 404 -5.57 -3.11 -5.87
C CYS A 404 -5.87 -4.50 -5.34
N ARG A 405 -7.15 -4.78 -5.14
CA ARG A 405 -7.59 -6.10 -4.69
C ARG A 405 -7.19 -7.18 -5.68
N ASP A 406 -7.39 -6.90 -6.97
CA ASP A 406 -7.04 -7.86 -8.02
C ASP A 406 -5.54 -8.07 -8.10
N PHE A 407 -4.78 -6.99 -7.95
CA PHE A 407 -3.31 -7.07 -7.99
C PHE A 407 -2.80 -7.93 -6.84
N VAL A 408 -3.33 -7.70 -5.64
CA VAL A 408 -2.99 -8.49 -4.47
C VAL A 408 -3.39 -9.95 -4.67
N GLN A 409 -4.61 -10.15 -5.17
CA GLN A 409 -5.12 -11.50 -5.40
C GLN A 409 -4.26 -12.25 -6.40
N ALA A 410 -3.64 -11.51 -7.32
CA ALA A 410 -2.80 -12.10 -8.35
C ALA A 410 -1.54 -12.72 -7.75
N HIS A 411 -1.20 -12.32 -6.54
CA HIS A 411 -0.10 -12.94 -5.81
C HIS A 411 -0.50 -14.35 -5.39
N TYR A 412 -1.79 -14.55 -5.16
CA TYR A 412 -2.27 -15.78 -4.55
C TYR A 412 -2.60 -16.92 -5.52
N PHE A 413 -3.46 -16.66 -6.51
CA PHE A 413 -3.88 -17.74 -7.40
C PHE A 413 -2.81 -18.10 -8.43
N THR A 414 -1.69 -17.38 -8.38
CA THR A 414 -0.60 -17.59 -9.33
C THR A 414 0.47 -18.53 -8.75
N THR A 415 0.46 -18.67 -7.43
CA THR A 415 1.48 -19.45 -6.73
C THR A 415 1.47 -20.92 -7.15
N SER A 416 2.61 -21.59 -6.97
CA SER A 416 2.74 -23.00 -7.30
C SER A 416 2.72 -23.86 -6.04
N ARG A 417 2.75 -23.21 -4.88
CA ARG A 417 2.72 -23.92 -3.60
C ARG A 417 1.44 -24.74 -3.47
N ASP A 418 1.60 -25.95 -2.93
CA ASP A 418 0.45 -26.84 -2.71
C ASP A 418 0.66 -27.67 -1.45
N ASP A 419 1.52 -27.20 -0.56
CA ASP A 419 1.94 -27.96 0.60
C ASP A 419 0.93 -27.91 1.75
N THR A 420 0.04 -26.92 1.72
CA THR A 420 -0.98 -26.76 2.75
C THR A 420 -2.35 -26.51 2.12
N PRO A 421 -3.43 -26.77 2.87
CA PRO A 421 -4.79 -26.44 2.40
C PRO A 421 -4.96 -24.96 2.04
N PHE A 422 -4.26 -24.09 2.73
CA PHE A 422 -4.37 -22.65 2.50
C PHE A 422 -3.93 -22.27 1.08
N TRP A 423 -2.80 -22.83 0.66
CA TRP A 423 -2.23 -22.51 -0.65
C TRP A 423 -2.95 -23.22 -1.78
N LEU A 424 -3.49 -24.41 -1.49
CA LEU A 424 -4.31 -25.13 -2.45
C LEU A 424 -5.59 -24.37 -2.72
N ALA A 425 -6.17 -23.80 -1.66
CA ALA A 425 -7.38 -23.02 -1.77
C ALA A 425 -7.16 -21.76 -2.60
N ASN A 426 -6.00 -21.14 -2.42
CA ASN A 426 -5.64 -19.94 -3.18
C ASN A 426 -5.47 -20.26 -4.66
N ARG A 427 -4.98 -21.47 -4.95
CA ARG A 427 -4.74 -21.89 -6.32
C ARG A 427 -6.03 -22.20 -7.06
N HIS A 428 -7.04 -22.67 -6.34
CA HIS A 428 -8.23 -23.24 -7.00
C HIS A 428 -9.57 -22.62 -6.58
N ASP A 429 -9.68 -22.15 -5.34
CA ASP A 429 -10.99 -21.82 -4.79
C ASP A 429 -11.32 -20.33 -4.70
N LEU A 430 -10.49 -19.49 -5.29
CA LEU A 430 -10.73 -18.05 -5.24
C LEU A 430 -11.71 -17.59 -6.32
N ARG A 431 -12.43 -16.51 -6.03
CA ARG A 431 -13.29 -15.88 -7.02
C ARG A 431 -12.54 -14.77 -7.73
N LEU A 432 -12.46 -14.85 -9.05
CA LEU A 432 -11.69 -13.89 -9.83
C LEU A 432 -12.60 -12.97 -10.63
N SER A 433 -12.28 -11.67 -10.62
CA SER A 433 -13.00 -10.70 -11.43
C SER A 433 -12.69 -10.94 -12.91
N ASP A 434 -13.57 -10.47 -13.78
CA ASP A 434 -13.34 -10.56 -15.22
C ASP A 434 -12.12 -9.74 -15.61
N ALA A 435 -11.88 -8.67 -14.85
CA ALA A 435 -10.78 -7.75 -15.13
C ALA A 435 -9.42 -8.42 -14.95
N ILE A 436 -9.26 -9.15 -13.86
CA ILE A 436 -7.97 -9.77 -13.57
C ILE A 436 -7.75 -10.98 -14.46
N LYS A 437 -8.83 -11.67 -14.82
CA LYS A 437 -8.75 -12.80 -15.74
C LYS A 437 -8.25 -12.32 -17.09
N GLU A 438 -8.69 -11.13 -17.47
CA GLU A 438 -8.36 -10.56 -18.77
C GLU A 438 -6.89 -10.16 -18.84
N LYS A 439 -6.41 -9.56 -17.75
CA LYS A 439 -5.01 -9.15 -17.66
C LYS A 439 -4.07 -10.35 -17.70
N VAL A 440 -4.39 -11.38 -16.93
CA VAL A 440 -3.60 -12.59 -16.87
C VAL A 440 -3.55 -13.27 -18.24
N GLN A 441 -4.69 -13.27 -18.93
CA GLN A 441 -4.78 -13.84 -20.27
C GLN A 441 -3.85 -13.12 -21.24
N ARG A 442 -3.87 -11.80 -21.19
CA ARG A 442 -3.00 -10.99 -22.02
C ARG A 442 -1.53 -11.22 -21.68
N TYR A 443 -1.24 -11.30 -20.39
CA TYR A 443 0.12 -11.56 -19.93
C TYR A 443 0.61 -12.92 -20.43
N LYS A 444 -0.23 -13.94 -20.27
CA LYS A 444 0.12 -15.29 -20.69
C LYS A 444 0.33 -15.38 -22.19
N ALA A 445 -0.38 -14.54 -22.94
CA ALA A 445 -0.27 -14.51 -24.39
C ALA A 445 1.06 -13.87 -24.81
N GLY A 446 1.73 -13.23 -23.87
CA GLY A 446 3.01 -12.60 -24.14
C GLY A 446 2.91 -11.10 -24.33
N LEU A 447 1.69 -10.59 -24.20
CA LEU A 447 1.44 -9.16 -24.40
C LEU A 447 1.88 -8.35 -23.19
N PRO A 448 2.49 -7.18 -23.45
CA PRO A 448 2.76 -6.25 -22.35
C PRO A 448 1.49 -5.66 -21.80
N LEU A 449 1.43 -5.50 -20.48
CA LEU A 449 0.31 -4.80 -19.86
C LEU A 449 0.57 -3.30 -20.01
N THR A 450 -0.17 -2.48 -19.27
CA THR A 450 -0.03 -1.02 -19.40
C THR A 450 1.38 -0.56 -19.08
N THR A 451 1.96 0.19 -20.01
CA THR A 451 3.29 0.76 -19.83
C THR A 451 3.24 2.28 -19.99
N THR A 452 4.23 2.95 -19.42
CA THR A 452 4.36 4.39 -19.59
C THR A 452 5.74 4.73 -20.15
N SER A 453 5.96 6.00 -20.47
CA SER A 453 7.25 6.44 -20.94
C SER A 453 8.28 6.37 -19.82
N PHE A 454 9.47 5.88 -20.14
CA PHE A 454 10.54 5.78 -19.15
C PHE A 454 11.35 7.08 -19.12
N ASP A 455 11.65 7.61 -20.30
CA ASP A 455 12.41 8.84 -20.41
C ASP A 455 11.52 10.07 -20.26
N ASP A 456 10.73 10.08 -19.19
CA ASP A 456 9.81 11.19 -18.94
C ASP A 456 9.39 11.22 -17.47
N SER A 457 8.73 10.15 -17.03
CA SER A 457 8.33 9.99 -15.64
C SER A 457 7.41 11.10 -15.13
N THR A 458 6.43 11.48 -15.94
CA THR A 458 5.41 12.41 -15.47
C THR A 458 4.18 11.62 -15.05
N TYR A 459 4.28 10.30 -15.20
CA TYR A 459 3.29 9.36 -14.68
C TYR A 459 3.15 9.56 -13.18
N TYR A 460 4.27 9.90 -12.53
CA TYR A 460 4.30 10.13 -11.10
C TYR A 460 4.02 11.58 -10.75
N GLU A 461 3.82 12.43 -11.76
CA GLU A 461 3.61 13.85 -11.52
C GLU A 461 2.14 14.26 -11.67
N THR A 462 1.40 13.54 -12.49
CA THR A 462 -0.04 13.78 -12.63
C THR A 462 -0.80 12.57 -12.10
N PHE A 463 -1.39 12.72 -10.92
CA PHE A 463 -1.97 11.59 -10.19
C PHE A 463 -3.19 10.99 -10.86
N ASP A 464 -3.88 11.79 -11.68
CA ASP A 464 -5.03 11.30 -12.45
C ASP A 464 -4.61 10.10 -13.29
N TYR A 465 -3.44 10.21 -13.92
CA TYR A 465 -2.85 9.13 -14.70
C TYR A 465 -2.59 7.90 -13.84
N GLU A 466 -1.85 8.09 -12.75
CA GLU A 466 -1.46 6.98 -11.89
C GLU A 466 -2.66 6.34 -11.20
N PHE A 467 -3.61 7.17 -10.75
CA PHE A 467 -4.79 6.66 -10.06
C PHE A 467 -5.58 5.69 -10.92
N LYS A 468 -5.73 6.02 -12.21
CA LYS A 468 -6.49 5.19 -13.12
C LYS A 468 -5.68 4.01 -13.64
N ASN A 469 -4.35 4.14 -13.59
CA ASN A 469 -3.46 3.06 -14.02
C ASN A 469 -2.40 2.80 -12.95
N LYS A 470 -2.84 2.29 -11.80
CA LYS A 470 -1.96 2.14 -10.63
C LYS A 470 -0.86 1.12 -10.84
N TRP A 471 -1.21 -0.04 -11.38
CA TRP A 471 -0.24 -1.12 -11.55
C TRP A 471 0.10 -1.35 -13.01
N LEU A 472 1.37 -1.19 -13.34
CA LEU A 472 1.84 -1.29 -14.72
C LEU A 472 2.41 -2.66 -15.05
N ASN A 473 2.91 -2.80 -16.27
CA ASN A 473 3.49 -4.05 -16.75
C ASN A 473 4.62 -4.52 -15.86
N GLY A 474 5.46 -3.58 -15.42
CA GLY A 474 6.58 -3.90 -14.55
C GLY A 474 6.18 -4.47 -13.21
N ASN A 475 5.10 -3.94 -12.64
CA ASN A 475 4.62 -4.39 -11.34
C ASN A 475 4.12 -5.84 -11.41
N TYR A 476 3.30 -6.11 -12.42
CA TYR A 476 2.76 -7.46 -12.62
C TYR A 476 3.86 -8.46 -12.96
N TYR A 477 4.84 -8.03 -13.73
CA TYR A 477 5.92 -8.91 -14.15
C TYR A 477 6.78 -9.31 -12.95
N CYS A 478 7.01 -8.37 -12.04
CA CYS A 478 7.76 -8.65 -10.82
C CYS A 478 7.09 -9.76 -10.02
N ILE A 479 5.76 -9.71 -9.95
CA ILE A 479 4.99 -10.68 -9.19
C ILE A 479 4.91 -12.01 -9.92
N PHE A 480 4.53 -11.97 -11.18
CA PHE A 480 4.32 -13.18 -11.97
C PHE A 480 5.61 -13.94 -12.22
N ALA A 481 6.64 -13.25 -12.68
CA ALA A 481 7.94 -13.87 -12.92
C ALA A 481 8.55 -14.35 -11.62
N GLY A 482 8.29 -13.60 -10.54
CA GLY A 482 8.76 -13.98 -9.22
C GLY A 482 8.14 -15.27 -8.74
N LEU A 483 6.86 -15.46 -9.03
CA LEU A 483 6.14 -16.67 -8.64
C LEU A 483 6.37 -17.80 -9.63
N GLY A 484 7.15 -17.52 -10.67
CA GLY A 484 7.51 -18.54 -11.65
C GLY A 484 6.48 -18.77 -12.72
N MET A 485 5.50 -17.87 -12.83
CA MET A 485 4.47 -17.99 -13.86
C MET A 485 4.80 -17.06 -15.02
N LEU A 486 5.32 -17.63 -16.09
CA LEU A 486 5.77 -16.86 -17.25
C LEU A 486 4.81 -17.04 -18.43
N PRO A 487 4.82 -16.07 -19.36
CA PRO A 487 4.02 -16.18 -20.59
C PRO A 487 4.39 -17.42 -21.39
N ASP A 488 3.47 -17.87 -22.25
CA ASP A 488 3.70 -19.07 -23.05
C ASP A 488 4.84 -18.88 -24.03
N ARG A 489 5.08 -17.64 -24.42
CA ARG A 489 6.12 -17.33 -25.41
C ARG A 489 6.44 -15.85 -25.44
N SER A 490 7.58 -15.51 -26.04
CA SER A 490 7.97 -14.12 -26.22
C SER A 490 7.16 -13.48 -27.35
N LEU A 491 7.17 -12.15 -27.39
CA LEU A 491 6.47 -11.39 -28.40
C LEU A 491 6.88 -11.81 -29.81
N PRO A 492 5.92 -12.30 -30.61
CA PRO A 492 6.16 -12.71 -31.99
C PRO A 492 6.84 -11.64 -32.85
N LEU A 493 6.58 -10.37 -32.51
CA LEU A 493 7.15 -9.25 -33.24
C LEU A 493 8.67 -9.23 -33.19
N LEU A 494 9.23 -9.65 -32.05
CA LEU A 494 10.68 -9.61 -31.83
C LEU A 494 11.45 -10.49 -32.81
N GLN A 495 10.77 -11.46 -33.40
CA GLN A 495 11.39 -12.32 -34.40
C GLN A 495 11.66 -11.56 -35.69
N HIS A 496 11.06 -10.38 -35.82
CA HIS A 496 11.22 -9.55 -37.01
C HIS A 496 12.14 -8.36 -36.78
N ARG A 497 12.58 -8.19 -35.53
CA ARG A 497 13.38 -7.01 -35.17
C ARG A 497 14.64 -7.36 -34.39
N PRO A 498 15.64 -7.96 -35.06
CA PRO A 498 16.93 -8.26 -34.43
C PRO A 498 17.68 -7.01 -33.99
N GLU A 499 17.47 -5.90 -34.69
CA GLU A 499 18.11 -4.63 -34.33
C GLU A 499 17.60 -4.12 -32.99
N SER A 500 16.31 -4.31 -32.73
CA SER A 500 15.70 -3.93 -31.46
C SER A 500 16.22 -4.81 -30.33
N ILE A 501 16.44 -6.09 -30.64
CA ILE A 501 16.98 -7.04 -29.69
C ILE A 501 18.40 -6.63 -29.31
N GLU A 502 19.18 -6.26 -30.30
CA GLU A 502 20.54 -5.80 -30.07
C GLU A 502 20.56 -4.52 -29.24
N LYS A 503 19.59 -3.65 -29.49
CA LYS A 503 19.48 -2.40 -28.76
C LYS A 503 19.12 -2.63 -27.30
N ALA A 504 18.32 -3.67 -27.06
CA ALA A 504 17.92 -4.03 -25.70
C ALA A 504 19.10 -4.59 -24.91
N GLU A 505 20.01 -5.25 -25.62
CA GLU A 505 21.22 -5.77 -25.00
C GLU A 505 22.08 -4.66 -24.43
N ALA A 506 22.15 -3.55 -25.16
CA ALA A 506 22.89 -2.38 -24.72
C ALA A 506 22.29 -1.80 -23.44
N MET A 507 20.96 -1.88 -23.34
CA MET A 507 20.26 -1.36 -22.18
C MET A 507 20.50 -2.26 -20.97
N PHE A 508 20.50 -3.58 -21.20
CA PHE A 508 20.80 -4.56 -20.16
C PHE A 508 22.21 -4.34 -19.61
N ALA A 509 23.15 -4.13 -20.53
CA ALA A 509 24.54 -3.86 -20.17
C ALA A 509 24.65 -2.59 -19.34
N SER A 510 23.85 -1.58 -19.70
CA SER A 510 23.86 -0.32 -18.97
C SER A 510 23.33 -0.49 -17.55
N ILE A 511 22.29 -1.30 -17.41
CA ILE A 511 21.69 -1.58 -16.11
C ILE A 511 22.69 -2.34 -15.24
N ARG A 512 23.45 -3.23 -15.87
CA ARG A 512 24.46 -4.01 -15.16
C ARG A 512 25.56 -3.10 -14.63
N ARG A 513 25.92 -2.09 -15.41
CA ARG A 513 26.95 -1.13 -15.01
C ARG A 513 26.47 -0.24 -13.87
N GLU A 514 25.20 0.15 -13.92
CA GLU A 514 24.62 0.97 -12.87
C GLU A 514 24.57 0.21 -11.55
N ALA A 515 24.25 -1.07 -11.63
CA ALA A 515 24.20 -1.94 -10.46
C ALA A 515 25.58 -2.04 -9.81
N GLU A 516 26.61 -2.17 -10.63
CA GLU A 516 27.97 -2.27 -10.15
C GLU A 516 28.42 -0.96 -9.52
N ARG A 517 27.99 0.16 -10.10
CA ARG A 517 28.34 1.47 -9.57
C ARG A 517 27.66 1.70 -8.23
N LEU A 518 26.41 1.27 -8.12
CA LEU A 518 25.65 1.41 -6.88
C LEU A 518 26.28 0.62 -5.74
N ARG A 519 26.83 -0.54 -6.06
CA ARG A 519 27.43 -1.43 -5.07
C ARG A 519 28.59 -0.76 -4.33
N THR A 520 29.36 0.02 -5.06
CA THR A 520 30.57 0.64 -4.50
C THR A 520 30.36 2.11 -4.11
N SER A 521 29.17 2.63 -4.34
CA SER A 521 28.92 4.05 -4.12
C SER A 521 27.91 4.31 -2.99
N LEU A 522 26.93 3.43 -2.85
CA LEU A 522 25.90 3.62 -1.84
C LEU A 522 26.43 3.32 -0.43
N PRO A 523 26.08 4.19 0.53
CA PRO A 523 26.32 3.86 1.93
C PRO A 523 25.32 2.80 2.37
N THR A 524 25.61 2.09 3.46
CA THR A 524 24.65 1.13 3.98
C THR A 524 23.42 1.89 4.46
N ASN A 525 22.27 1.22 4.43
CA ASN A 525 21.03 1.84 4.88
C ASN A 525 21.16 2.26 6.34
N TYR A 526 21.86 1.44 7.12
CA TYR A 526 22.07 1.72 8.54
C TYR A 526 22.89 2.99 8.75
N ASP A 527 24.03 3.06 8.07
CA ASP A 527 24.93 4.21 8.21
C ASP A 527 24.28 5.50 7.74
N TYR A 528 23.47 5.42 6.70
CA TYR A 528 22.80 6.61 6.17
C TYR A 528 21.69 7.07 7.10
N LEU A 529 20.93 6.12 7.64
CA LEU A 529 19.88 6.43 8.60
C LEU A 529 20.49 6.98 9.89
N ARG A 530 21.70 6.53 10.20
CA ARG A 530 22.41 7.01 11.39
C ARG A 530 22.90 8.44 11.19
N SER A 531 23.34 8.76 9.98
CA SER A 531 23.83 10.09 9.66
C SER A 531 22.70 11.12 9.78
N LEU A 532 21.48 10.65 9.60
CA LEU A 532 20.30 11.51 9.75
C LEU A 532 19.83 11.50 11.20
N ARG A 533 20.51 10.71 12.03
CA ARG A 533 20.16 10.52 13.43
C ARG A 533 18.71 10.07 13.58
PA FAD B . -8.24 3.63 13.09
O1A FAD B . -8.92 2.52 13.84
O2A FAD B . -6.74 3.54 13.27
O5B FAD B . -8.75 5.05 13.64
C5B FAD B . -9.92 5.05 14.46
C4B FAD B . -10.11 6.40 15.05
O4B FAD B . -11.56 6.73 15.12
C3B FAD B . -9.60 6.40 16.44
O3B FAD B . -8.96 7.67 16.70
C2B FAD B . -10.78 6.28 17.29
O2B FAD B . -10.53 6.86 18.59
C1B FAD B . -11.80 7.04 16.55
N9A FAD B . -13.09 6.69 16.94
C8A FAD B . -13.68 5.63 16.82
N7A FAD B . -14.69 5.52 17.17
C5A FAD B . -15.27 6.40 17.70
C6A FAD B . -16.57 6.97 18.40
N6A FAD B . -17.74 6.16 18.58
N1A FAD B . -16.53 8.32 18.85
C2A FAD B . -15.49 8.96 18.65
N3A FAD B . -14.48 8.64 18.15
C4A FAD B . -14.15 7.59 17.67
N1 FAD B . -1.23 0.79 5.88
C2 FAD B . 0.00 1.05 5.12
O2 FAD B . 0.10 2.06 4.45
N3 FAD B . 1.08 0.12 5.13
C4 FAD B . 0.98 -1.04 5.89
O4 FAD B . 1.91 -1.83 5.90
C4X FAD B . -0.23 -1.30 6.66
N5 FAD B . -0.34 -2.40 7.38
C5X FAD B . -1.54 -2.65 8.14
C6 FAD B . -1.64 -3.82 8.90
C7 FAD B . -2.80 -4.06 9.63
C7M FAD B . -2.91 -5.34 10.45
C8 FAD B . -3.84 -3.16 9.60
C8M FAD B . -5.10 -3.42 10.40
C9 FAD B . -3.74 -2.00 8.86
C9A FAD B . -2.60 -1.74 8.11
N10 FAD B . -2.50 -0.55 7.35
C10 FAD B . -1.34 -0.31 6.62
C1' FAD B . -3.59 0.38 7.33
C2' FAD B . -3.29 1.53 8.29
O2' FAD B . -2.48 1.08 9.34
C3' FAD B . -4.59 2.06 8.87
O3' FAD B . -5.62 1.96 7.92
C4' FAD B . -4.40 3.52 9.24
O4' FAD B . -3.13 3.67 9.81
C5' FAD B . -5.47 3.91 10.26
O5' FAD B . -6.76 3.72 9.68
P FAD B . -7.99 4.45 10.38
O1P FAD B . -7.51 5.75 10.98
O2P FAD B . -9.05 4.72 9.34
O3P FAD B . -8.59 3.51 11.53
CL CL C . -1.50 -1.84 3.51
P PO4 D . 5.95 2.59 -8.89
O1 PO4 D . 6.12 1.11 -8.66
O2 PO4 D . 4.80 3.11 -8.06
O3 PO4 D . 7.21 3.33 -8.51
O4 PO4 D . 5.65 2.81 -10.36
S SO4 E . -16.45 -8.18 16.02
O1 SO4 E . -15.11 -8.73 16.20
O2 SO4 E . -17.46 -9.15 16.47
O3 SO4 E . -16.67 -7.88 14.61
O4 SO4 E . -16.58 -6.95 16.80
S SO4 F . -3.32 4.73 20.79
O1 SO4 F . -3.47 3.28 20.97
O2 SO4 F . -3.81 5.42 21.98
O3 SO4 F . -1.91 5.04 20.58
O4 SO4 F . -4.10 5.14 19.64
S SO4 G . 2.09 26.88 5.32
O1 SO4 G . 1.21 25.71 5.17
O2 SO4 G . 3.24 26.52 6.16
O3 SO4 G . 2.57 27.30 4.01
O4 SO4 G . 1.35 27.96 5.94
#